data_8YQL
#
_entry.id   8YQL
#
_cell.length_a   74.816
_cell.length_b   74.816
_cell.length_c   58.666
_cell.angle_alpha   90.000
_cell.angle_beta   90.000
_cell.angle_gamma   120.000
#
_symmetry.space_group_name_H-M   'P 31'
#
loop_
_entity.id
_entity.type
_entity.pdbx_description
1 polymer 'Roadblock domain in P31'
2 non-polymer 'CHLORIDE ION'
3 water water
#
_entity_poly.entity_id   1
_entity_poly.type   'polypeptide(L)'
_entity_poly.pdbx_seq_one_letter_code
;GPIIENCAAFIEKTMSKYAITLSDGTILKSTIKNETLKKTFPILKNLLKDQIPTGSSFFKLPVVFFRVTDNVIVILLTNE
KENIILSMFELFSTQFAEKLALEYPRTYE
;
_entity_poly.pdbx_strand_id   A,B,C
#
loop_
_chem_comp.id
_chem_comp.type
_chem_comp.name
_chem_comp.formula
CL non-polymer 'CHLORIDE ION' 'Cl -1'
#
# COMPACT_ATOMS: atom_id res chain seq x y z
N PRO A 2 -0.74 -4.89 9.95
CA PRO A 2 -0.67 -3.52 9.38
C PRO A 2 -1.97 -3.15 8.64
N ILE A 3 -2.20 -3.73 7.46
CA ILE A 3 -3.50 -3.59 6.82
C ILE A 3 -4.58 -4.29 7.66
N ILE A 4 -4.25 -5.44 8.23
CA ILE A 4 -5.23 -6.16 9.04
C ILE A 4 -5.48 -5.43 10.35
N GLU A 5 -4.44 -4.82 10.92
CA GLU A 5 -4.60 -4.00 12.12
C GLU A 5 -5.52 -2.80 11.90
N ASN A 6 -5.53 -2.22 10.70
CA ASN A 6 -6.49 -1.15 10.42
C ASN A 6 -7.90 -1.68 10.21
N CYS A 7 -8.02 -2.87 9.59
CA CYS A 7 -9.33 -3.51 9.44
C CYS A 7 -9.95 -3.76 10.80
N ALA A 8 -9.17 -4.33 11.71
CA ALA A 8 -9.64 -4.57 13.07
C ALA A 8 -10.11 -3.28 13.73
N ALA A 9 -9.33 -2.19 13.57
CA ALA A 9 -9.68 -0.93 14.21
C ALA A 9 -10.92 -0.31 13.59
N PHE A 10 -11.09 -0.48 12.28
CA PHE A 10 -12.33 -0.03 11.63
C PHE A 10 -13.53 -0.77 12.20
N ILE A 11 -13.46 -2.10 12.27
CA ILE A 11 -14.60 -2.89 12.76
C ILE A 11 -14.90 -2.53 14.19
N GLU A 12 -13.85 -2.41 15.01
CA GLU A 12 -13.96 -2.16 16.44
C GLU A 12 -14.68 -0.86 16.77
N LYS A 13 -14.73 0.10 15.84
CA LYS A 13 -15.52 1.30 16.07
C LYS A 13 -17.00 1.01 16.21
N THR A 14 -17.49 -0.17 15.79
CA THR A 14 -18.93 -0.42 15.89
C THR A 14 -19.28 -1.75 16.55
N MET A 15 -18.54 -2.82 16.29
CA MET A 15 -18.71 -4.05 17.06
C MET A 15 -17.40 -4.52 17.65
N SER A 16 -17.50 -5.13 18.81
CA SER A 16 -16.35 -5.58 19.58
C SER A 16 -16.03 -7.05 19.39
N LYS A 17 -16.99 -7.87 18.90
CA LYS A 17 -16.80 -9.31 18.70
C LYS A 17 -16.72 -9.58 17.19
N TYR A 18 -15.49 -9.79 16.69
CA TYR A 18 -15.30 -9.96 15.25
C TYR A 18 -14.11 -10.88 15.02
N ALA A 19 -14.04 -11.41 13.80
CA ALA A 19 -12.87 -12.13 13.34
C ALA A 19 -12.70 -11.85 11.86
N ILE A 20 -11.45 -11.84 11.41
CA ILE A 20 -11.09 -11.74 10.00
C ILE A 20 -10.28 -12.98 9.64
N THR A 21 -10.78 -13.78 8.73
CA THR A 21 -10.16 -15.05 8.44
C THR A 21 -10.04 -15.25 6.93
N LEU A 22 -9.25 -16.25 6.55
CA LEU A 22 -9.09 -16.64 5.16
C LEU A 22 -10.12 -17.68 4.79
N SER A 23 -10.32 -17.87 3.49
CA SER A 23 -11.24 -18.90 3.00
C SER A 23 -10.98 -20.27 3.65
N ASP A 24 -9.71 -20.62 3.84
CA ASP A 24 -9.41 -21.95 4.35
C ASP A 24 -9.50 -22.05 5.87
N GLY A 25 -9.82 -20.94 6.55
CA GLY A 25 -9.97 -20.95 8.00
C GLY A 25 -8.85 -20.28 8.77
N THR A 26 -7.84 -19.76 8.09
CA THR A 26 -6.73 -19.10 8.77
C THR A 26 -7.24 -17.89 9.53
N ILE A 27 -7.00 -17.86 10.83
CA ILE A 27 -7.34 -16.68 11.60
C ILE A 27 -6.30 -15.61 11.36
N LEU A 28 -6.74 -14.43 10.94
CA LEU A 28 -5.84 -13.28 10.82
C LEU A 28 -5.87 -12.39 12.05
N LYS A 29 -7.07 -12.15 12.60
CA LYS A 29 -7.30 -11.34 13.78
C LYS A 29 -8.67 -11.75 14.31
N SER A 30 -8.84 -11.70 15.63
CA SER A 30 -10.13 -12.14 16.18
C SER A 30 -10.27 -11.73 17.63
N THR A 31 -11.43 -11.22 18.00
CA THR A 31 -11.80 -11.12 19.40
C THR A 31 -12.85 -12.14 19.80
N ILE A 32 -13.24 -13.01 18.90
CA ILE A 32 -14.15 -14.09 19.20
C ILE A 32 -13.35 -15.22 19.83
N LYS A 33 -13.89 -15.81 20.90
CA LYS A 33 -13.28 -17.00 21.49
C LYS A 33 -13.09 -18.07 20.43
N ASN A 34 -11.91 -18.72 20.47
CA ASN A 34 -11.59 -19.78 19.52
C ASN A 34 -12.57 -20.94 19.62
N GLU A 35 -13.05 -21.23 20.83
CA GLU A 35 -14.09 -22.23 20.97
C GLU A 35 -15.23 -21.93 20.00
N THR A 36 -15.63 -20.67 19.90
CA THR A 36 -16.73 -20.31 19.02
C THR A 36 -16.33 -20.41 17.55
N LEU A 37 -15.14 -19.92 17.18
CA LEU A 37 -14.74 -19.93 15.77
C LEU A 37 -14.66 -21.35 15.23
N LYS A 38 -14.20 -22.31 16.05
CA LYS A 38 -13.99 -23.63 15.49
C LYS A 38 -15.32 -24.32 15.22
N LYS A 39 -16.32 -24.07 16.06
CA LYS A 39 -17.64 -24.59 15.73
C LYS A 39 -18.35 -23.75 14.68
N THR A 40 -17.78 -22.60 14.31
CA THR A 40 -18.39 -21.72 13.33
C THR A 40 -17.81 -21.92 11.94
N PHE A 41 -16.59 -22.45 11.85
CA PHE A 41 -15.96 -22.59 10.53
C PHE A 41 -16.67 -23.58 9.62
N PRO A 42 -17.08 -24.78 10.07
CA PRO A 42 -17.77 -25.70 9.15
C PRO A 42 -19.00 -25.10 8.50
N ILE A 43 -19.63 -24.12 9.14
CA ILE A 43 -20.72 -23.42 8.49
C ILE A 43 -20.21 -22.49 7.41
N LEU A 44 -19.12 -21.76 7.68
CA LEU A 44 -18.51 -20.92 6.67
C LEU A 44 -18.09 -21.75 5.46
N LYS A 45 -17.37 -22.84 5.68
CA LYS A 45 -16.89 -23.69 4.58
C LYS A 45 -18.02 -24.07 3.64
N ASN A 46 -19.15 -24.52 4.20
CA ASN A 46 -20.26 -24.95 3.35
C ASN A 46 -20.92 -23.78 2.63
N LEU A 47 -20.99 -22.62 3.27
CA LEU A 47 -21.47 -21.44 2.56
C LEU A 47 -20.52 -21.03 1.44
N LEU A 48 -19.21 -21.15 1.68
CA LEU A 48 -18.24 -20.85 0.65
C LEU A 48 -18.39 -21.79 -0.55
N LYS A 49 -18.76 -23.05 -0.30
CA LYS A 49 -18.99 -24.01 -1.37
C LYS A 49 -20.07 -23.53 -2.32
N ASP A 50 -21.24 -23.19 -1.79
CA ASP A 50 -22.33 -22.67 -2.60
C ASP A 50 -21.88 -21.40 -3.32
N GLN A 51 -20.63 -20.99 -3.09
CA GLN A 51 -20.01 -19.79 -3.66
C GLN A 51 -20.86 -18.55 -3.36
N ILE A 52 -21.20 -18.39 -2.07
CA ILE A 52 -21.76 -17.15 -1.54
C ILE A 52 -20.89 -16.03 -2.09
N PRO A 53 -21.46 -15.13 -2.89
CA PRO A 53 -20.63 -14.29 -3.76
C PRO A 53 -19.79 -13.31 -2.99
N THR A 54 -18.62 -12.99 -3.56
CA THR A 54 -17.81 -11.87 -3.11
C THR A 54 -18.70 -10.63 -2.97
N GLY A 55 -18.54 -9.92 -1.87
CA GLY A 55 -19.35 -8.75 -1.60
C GLY A 55 -20.65 -9.05 -0.88
N SER A 56 -21.11 -10.29 -0.87
CA SER A 56 -22.37 -10.54 -0.19
C SER A 56 -22.11 -10.95 1.25
N SER A 57 -23.15 -10.78 2.07
CA SER A 57 -23.12 -11.23 3.45
C SER A 57 -24.22 -12.24 3.70
N PHE A 58 -24.15 -12.87 4.88
CA PHE A 58 -25.06 -13.94 5.27
C PHE A 58 -25.32 -13.78 6.77
N PHE A 59 -26.59 -13.61 7.12
CA PHE A 59 -27.01 -13.30 8.50
C PHE A 59 -27.60 -14.53 9.18
N LYS A 60 -27.11 -14.81 10.40
CA LYS A 60 -27.64 -15.90 11.21
C LYS A 60 -27.47 -15.50 12.68
N LEU A 61 -28.31 -14.59 13.13
CA LEU A 61 -28.00 -13.83 14.33
C LEU A 61 -27.86 -14.73 15.55
N PRO A 62 -26.87 -14.50 16.38
CA PRO A 62 -25.99 -13.32 16.40
C PRO A 62 -24.82 -13.37 15.42
N VAL A 63 -24.75 -14.33 14.50
CA VAL A 63 -23.57 -14.55 13.67
C VAL A 63 -23.76 -13.89 12.31
N VAL A 64 -22.72 -13.22 11.83
CA VAL A 64 -22.75 -12.64 10.49
C VAL A 64 -21.44 -12.97 9.77
N PHE A 65 -21.55 -13.27 8.47
CA PHE A 65 -20.42 -13.52 7.61
C PHE A 65 -20.41 -12.51 6.47
N PHE A 66 -19.23 -12.02 6.11
CA PHE A 66 -19.12 -11.05 5.02
C PHE A 66 -17.91 -11.45 4.18
N ARG A 67 -18.18 -11.84 2.94
CA ARG A 67 -17.11 -12.23 2.01
C ARG A 67 -16.60 -10.97 1.31
N VAL A 68 -15.64 -10.28 1.94
CA VAL A 68 -15.16 -9.03 1.39
C VAL A 68 -14.45 -9.28 0.07
N THR A 69 -13.55 -10.25 0.05
CA THR A 69 -12.91 -10.64 -1.18
C THR A 69 -13.04 -12.15 -1.34
N ASP A 70 -12.57 -12.63 -2.48
CA ASP A 70 -12.60 -14.05 -2.78
C ASP A 70 -12.03 -14.85 -1.61
N ASN A 71 -11.03 -14.32 -0.93
CA ASN A 71 -10.26 -15.09 0.03
C ASN A 71 -10.37 -14.62 1.48
N VAL A 72 -11.10 -13.54 1.77
CA VAL A 72 -11.14 -12.96 3.11
C VAL A 72 -12.59 -12.84 3.57
N ILE A 73 -12.87 -13.37 4.76
CA ILE A 73 -14.22 -13.33 5.33
C ILE A 73 -14.15 -12.54 6.63
N VAL A 74 -15.11 -11.65 6.81
CA VAL A 74 -15.32 -11.01 8.10
C VAL A 74 -16.43 -11.77 8.80
N ILE A 75 -16.23 -12.03 10.10
CA ILE A 75 -17.24 -12.66 10.94
C ILE A 75 -17.52 -11.76 12.13
N LEU A 76 -18.79 -11.49 12.38
CA LEU A 76 -19.22 -10.73 13.54
C LEU A 76 -20.14 -11.59 14.40
N LEU A 77 -20.03 -11.42 15.71
CA LEU A 77 -21.07 -11.78 16.67
C LEU A 77 -21.67 -10.45 17.12
N THR A 78 -22.94 -10.20 16.77
CA THR A 78 -23.49 -8.91 17.10
C THR A 78 -25.00 -9.02 17.20
N ASN A 79 -25.58 -8.14 18.01
N ASN A 79 -25.61 -8.16 18.02
CA ASN A 79 -27.02 -7.93 18.11
CA ASN A 79 -27.06 -7.99 18.00
C ASN A 79 -27.48 -6.68 17.37
C ASN A 79 -27.45 -6.60 17.48
N GLU A 80 -26.57 -5.95 16.73
CA GLU A 80 -26.92 -4.75 15.99
C GLU A 80 -27.97 -5.04 14.92
N LYS A 81 -28.63 -3.98 14.47
CA LYS A 81 -29.60 -4.10 13.39
C LYS A 81 -28.91 -4.31 12.05
N GLU A 82 -29.64 -4.95 11.14
CA GLU A 82 -29.11 -5.33 9.84
C GLU A 82 -28.60 -4.12 9.04
N ASN A 83 -29.34 -3.01 9.05
CA ASN A 83 -28.93 -1.87 8.24
C ASN A 83 -27.59 -1.33 8.73
N ILE A 84 -27.36 -1.37 10.03
CA ILE A 84 -26.09 -0.86 10.53
C ILE A 84 -24.95 -1.80 10.16
N ILE A 85 -25.21 -3.12 10.16
CA ILE A 85 -24.18 -4.08 9.78
C ILE A 85 -23.87 -3.97 8.28
N LEU A 86 -24.89 -3.91 7.43
CA LEU A 86 -24.65 -3.76 6.00
C LEU A 86 -23.93 -2.45 5.67
N SER A 87 -24.16 -1.40 6.46
CA SER A 87 -23.51 -0.12 6.19
C SER A 87 -22.05 -0.15 6.58
N MET A 88 -21.75 -0.70 7.75
CA MET A 88 -20.36 -0.95 8.12
C MET A 88 -19.65 -1.81 7.07
N PHE A 89 -20.34 -2.81 6.51
CA PHE A 89 -19.72 -3.67 5.51
C PHE A 89 -19.42 -2.91 4.22
N GLU A 90 -20.38 -2.10 3.77
CA GLU A 90 -20.18 -1.34 2.54
C GLU A 90 -19.01 -0.38 2.71
N LEU A 91 -18.93 0.28 3.87
CA LEU A 91 -17.81 1.16 4.16
C LEU A 91 -16.50 0.38 4.27
N PHE A 92 -16.53 -0.72 5.03
CA PHE A 92 -15.33 -1.55 5.19
C PHE A 92 -14.78 -1.96 3.83
N SER A 93 -15.67 -2.38 2.94
CA SER A 93 -15.27 -2.86 1.62
C SER A 93 -14.66 -1.73 0.79
N THR A 94 -15.21 -0.53 0.89
CA THR A 94 -14.66 0.56 0.09
C THR A 94 -13.26 0.92 0.56
N GLN A 95 -13.03 0.95 1.88
CA GLN A 95 -11.70 1.30 2.37
C GLN A 95 -10.68 0.19 2.18
N PHE A 96 -11.10 -1.10 2.16
CA PHE A 96 -10.12 -2.18 2.34
C PHE A 96 -10.12 -3.28 1.28
N ALA A 97 -11.15 -3.40 0.44
CA ALA A 97 -11.29 -4.61 -0.39
C ALA A 97 -10.16 -4.75 -1.41
N GLU A 98 -9.80 -3.67 -2.10
CA GLU A 98 -8.74 -3.81 -3.09
C GLU A 98 -7.39 -4.08 -2.42
N LYS A 99 -7.12 -3.41 -1.31
CA LYS A 99 -5.92 -3.74 -0.55
C LYS A 99 -5.93 -5.19 -0.08
N LEU A 100 -7.03 -5.62 0.54
CA LEU A 100 -7.09 -6.99 1.04
C LEU A 100 -6.92 -7.99 -0.11
N ALA A 101 -7.52 -7.70 -1.26
CA ALA A 101 -7.39 -8.59 -2.41
C ALA A 101 -5.92 -8.78 -2.82
N LEU A 102 -5.09 -7.74 -2.72
CA LEU A 102 -3.67 -7.86 -3.05
C LEU A 102 -2.87 -8.51 -1.91
N GLU A 103 -3.18 -8.17 -0.66
CA GLU A 103 -2.43 -8.72 0.46
C GLU A 103 -2.67 -10.21 0.66
N TYR A 104 -3.89 -10.69 0.39
CA TYR A 104 -4.26 -12.09 0.64
C TYR A 104 -4.92 -12.72 -0.59
N PRO A 105 -4.19 -12.84 -1.71
CA PRO A 105 -4.82 -13.38 -2.92
C PRO A 105 -5.11 -14.87 -2.81
N ARG A 106 -6.27 -15.28 -3.33
CA ARG A 106 -6.46 -16.69 -3.59
C ARG A 106 -5.42 -17.10 -4.62
N THR A 107 -4.69 -18.16 -4.34
CA THR A 107 -3.55 -18.53 -5.18
C THR A 107 -3.94 -19.60 -6.20
N TYR A 108 -3.26 -19.56 -7.35
CA TYR A 108 -3.62 -20.34 -8.54
C TYR A 108 -5.10 -20.18 -8.91
N GLY B 1 -4.46 15.24 -10.89
CA GLY B 1 -5.59 15.73 -11.67
C GLY B 1 -5.86 14.92 -12.93
N PRO B 2 -5.52 15.47 -14.08
CA PRO B 2 -5.69 14.74 -15.34
C PRO B 2 -4.56 13.77 -15.65
N ILE B 3 -3.66 13.51 -14.68
CA ILE B 3 -2.47 12.69 -14.95
C ILE B 3 -2.88 11.28 -15.36
N ILE B 4 -3.73 10.64 -14.56
CA ILE B 4 -4.19 9.28 -14.87
C ILE B 4 -4.93 9.25 -16.19
N GLU B 5 -5.74 10.28 -16.46
CA GLU B 5 -6.41 10.36 -17.75
C GLU B 5 -5.39 10.37 -18.89
N ASN B 6 -4.31 11.14 -18.74
CA ASN B 6 -3.30 11.19 -19.78
C ASN B 6 -2.55 9.88 -19.88
N CYS B 7 -2.26 9.24 -18.74
CA CYS B 7 -1.66 7.91 -18.77
C CYS B 7 -2.54 6.92 -19.53
N ALA B 8 -3.84 6.92 -19.22
CA ALA B 8 -4.78 6.03 -19.89
C ALA B 8 -4.77 6.25 -21.40
N ALA B 9 -4.89 7.51 -21.83
CA ALA B 9 -4.98 7.74 -23.27
C ALA B 9 -3.69 7.39 -23.98
N PHE B 10 -2.54 7.53 -23.30
CA PHE B 10 -1.27 7.11 -23.89
C PHE B 10 -1.24 5.60 -24.13
N ILE B 11 -1.64 4.79 -23.12
CA ILE B 11 -1.67 3.34 -23.27
C ILE B 11 -2.70 2.93 -24.32
N GLU B 12 -3.92 3.47 -24.24
CA GLU B 12 -4.97 3.13 -25.19
C GLU B 12 -4.55 3.37 -26.62
N LYS B 13 -3.60 4.28 -26.85
CA LYS B 13 -3.04 4.46 -28.19
C LYS B 13 -2.46 3.16 -28.74
N THR B 14 -2.13 2.19 -27.90
CA THR B 14 -1.51 0.96 -28.39
C THR B 14 -2.21 -0.30 -27.88
N MET B 15 -2.37 -0.46 -26.57
CA MET B 15 -3.08 -1.61 -26.04
C MET B 15 -4.48 -1.21 -25.60
N SER B 16 -5.42 -2.13 -25.69
CA SER B 16 -6.77 -1.84 -25.24
C SER B 16 -7.10 -2.42 -23.86
N LYS B 17 -6.36 -3.42 -23.40
CA LYS B 17 -6.62 -4.06 -22.10
C LYS B 17 -5.47 -3.71 -21.15
N TYR B 18 -5.73 -2.81 -20.20
CA TYR B 18 -4.69 -2.34 -19.30
C TYR B 18 -5.34 -1.96 -17.98
N ALA B 19 -4.52 -1.86 -16.94
CA ALA B 19 -4.92 -1.22 -15.70
C ALA B 19 -3.72 -0.49 -15.10
N ILE B 20 -4.01 0.54 -14.32
CA ILE B 20 -3.04 1.27 -13.54
C ILE B 20 -3.48 1.15 -12.10
N THR B 21 -2.57 0.70 -11.23
CA THR B 21 -2.91 0.43 -9.84
C THR B 21 -1.81 0.97 -8.95
N LEU B 22 -2.14 1.16 -7.69
CA LEU B 22 -1.12 1.41 -6.68
C LEU B 22 -0.53 0.07 -6.25
N SER B 23 0.65 0.14 -5.63
CA SER B 23 1.32 -1.07 -5.20
C SER B 23 0.67 -1.68 -3.97
N ASP B 24 -0.33 -1.03 -3.38
CA ASP B 24 -1.13 -1.68 -2.34
C ASP B 24 -2.41 -2.29 -2.89
N GLY B 25 -2.66 -2.17 -4.19
CA GLY B 25 -3.76 -2.83 -4.87
C GLY B 25 -4.87 -1.91 -5.30
N THR B 26 -4.84 -0.64 -4.90
CA THR B 26 -5.88 0.31 -5.29
C THR B 26 -5.93 0.41 -6.81
N ILE B 27 -7.09 0.20 -7.41
CA ILE B 27 -7.21 0.33 -8.86
C ILE B 27 -7.54 1.78 -9.18
N LEU B 28 -6.67 2.42 -9.95
CA LEU B 28 -6.90 3.78 -10.38
C LEU B 28 -7.65 3.84 -11.69
N LYS B 29 -7.33 2.93 -12.59
CA LYS B 29 -7.92 2.91 -13.91
C LYS B 29 -7.77 1.48 -14.39
N SER B 30 -8.82 0.94 -15.00
CA SER B 30 -8.72 -0.42 -15.52
C SER B 30 -9.77 -0.60 -16.60
N THR B 31 -9.33 -0.95 -17.82
CA THR B 31 -10.24 -1.49 -18.81
C THR B 31 -10.32 -3.00 -18.75
N ILE B 32 -9.50 -3.62 -17.92
CA ILE B 32 -9.60 -5.04 -17.65
C ILE B 32 -10.74 -5.24 -16.68
N LYS B 33 -11.55 -6.28 -16.91
CA LYS B 33 -12.64 -6.57 -15.98
C LYS B 33 -12.08 -6.84 -14.59
N ASN B 34 -12.60 -6.09 -13.60
CA ASN B 34 -12.10 -6.13 -12.22
C ASN B 34 -11.96 -7.55 -11.69
N GLU B 35 -12.86 -8.47 -12.08
CA GLU B 35 -12.71 -9.86 -11.67
C GLU B 35 -11.46 -10.47 -12.26
N THR B 36 -11.23 -10.30 -13.57
CA THR B 36 -10.02 -10.88 -14.16
C THR B 36 -8.76 -10.22 -13.62
N LEU B 37 -8.83 -8.92 -13.35
CA LEU B 37 -7.66 -8.19 -12.88
C LEU B 37 -7.21 -8.71 -11.52
N LYS B 38 -8.16 -8.94 -10.61
CA LYS B 38 -7.82 -9.33 -9.25
C LYS B 38 -7.23 -10.74 -9.19
N LYS B 39 -7.43 -11.54 -10.24
CA LYS B 39 -6.78 -12.85 -10.30
C LYS B 39 -5.31 -12.78 -10.71
N THR B 40 -4.85 -11.65 -11.28
CA THR B 40 -3.42 -11.49 -11.52
C THR B 40 -2.66 -11.08 -10.27
N PHE B 41 -3.37 -10.71 -9.19
CA PHE B 41 -2.73 -10.19 -7.98
C PHE B 41 -1.78 -11.16 -7.28
N PRO B 42 -2.01 -12.49 -7.24
CA PRO B 42 -0.96 -13.38 -6.71
C PRO B 42 0.40 -13.17 -7.35
N ILE B 43 0.45 -13.03 -8.68
CA ILE B 43 1.72 -12.74 -9.36
C ILE B 43 2.28 -11.40 -8.90
N LEU B 44 1.43 -10.37 -8.92
CA LEU B 44 1.89 -9.04 -8.50
C LEU B 44 2.44 -9.09 -7.10
N LYS B 45 1.71 -9.75 -6.19
CA LYS B 45 2.18 -9.82 -4.81
C LYS B 45 3.57 -10.41 -4.72
N ASN B 46 3.83 -11.48 -5.50
CA ASN B 46 5.16 -12.08 -5.50
C ASN B 46 6.21 -11.13 -6.08
N LEU B 47 5.86 -10.38 -7.13
CA LEU B 47 6.80 -9.41 -7.69
C LEU B 47 7.19 -8.36 -6.66
N LEU B 48 6.19 -7.81 -5.94
CA LEU B 48 6.45 -6.76 -4.98
C LEU B 48 7.26 -7.28 -3.79
N LYS B 49 6.99 -8.52 -3.37
CA LYS B 49 7.78 -9.08 -2.27
C LYS B 49 9.22 -9.34 -2.71
N ASP B 50 9.43 -9.65 -3.99
CA ASP B 50 10.79 -9.77 -4.51
C ASP B 50 11.35 -8.42 -4.93
N GLN B 51 10.62 -7.36 -4.61
CA GLN B 51 11.06 -6.00 -4.84
C GLN B 51 11.61 -5.85 -6.27
N ILE B 52 10.73 -6.10 -7.24
CA ILE B 52 11.07 -5.84 -8.64
C ILE B 52 11.41 -4.35 -8.80
N PRO B 53 12.50 -4.01 -9.47
CA PRO B 53 12.96 -2.62 -9.45
C PRO B 53 12.04 -1.72 -10.24
N THR B 54 12.03 -0.44 -9.87
CA THR B 54 11.33 0.55 -10.67
C THR B 54 11.90 0.57 -12.08
N GLY B 55 11.02 0.67 -13.08
CA GLY B 55 11.41 0.57 -14.48
C GLY B 55 11.47 -0.83 -15.05
N SER B 56 11.39 -1.88 -14.22
CA SER B 56 11.47 -3.25 -14.69
C SER B 56 10.09 -3.79 -14.99
N SER B 57 10.05 -4.74 -15.91
CA SER B 57 8.81 -5.36 -16.32
C SER B 57 8.86 -6.85 -15.99
N PHE B 58 7.69 -7.52 -16.11
CA PHE B 58 7.60 -8.96 -15.93
C PHE B 58 6.52 -9.51 -16.84
N PHE B 59 6.86 -10.54 -17.60
CA PHE B 59 6.03 -11.11 -18.66
C PHE B 59 5.55 -12.51 -18.28
N LYS B 60 4.24 -12.72 -18.32
CA LYS B 60 3.60 -14.02 -18.19
C LYS B 60 2.40 -13.98 -19.16
N LEU B 61 2.68 -14.15 -20.45
CA LEU B 61 1.71 -13.73 -21.46
C LEU B 61 0.39 -14.48 -21.28
N PRO B 62 -0.74 -13.82 -21.50
CA PRO B 62 -0.88 -12.46 -22.04
C PRO B 62 -0.66 -11.35 -21.00
N VAL B 63 -0.32 -11.65 -19.76
CA VAL B 63 -0.26 -10.64 -18.70
C VAL B 63 1.14 -10.04 -18.65
N VAL B 64 1.23 -8.72 -18.43
CA VAL B 64 2.51 -8.01 -18.36
C VAL B 64 2.43 -6.96 -17.25
N PHE B 65 3.47 -6.91 -16.40
CA PHE B 65 3.55 -6.00 -15.27
C PHE B 65 4.70 -5.03 -15.50
N PHE B 66 4.50 -3.76 -15.16
CA PHE B 66 5.55 -2.74 -15.29
C PHE B 66 5.51 -1.82 -14.08
N ARG B 67 6.62 -1.74 -13.36
CA ARG B 67 6.68 -0.90 -12.16
C ARG B 67 7.19 0.47 -12.57
N VAL B 68 6.26 1.37 -12.89
CA VAL B 68 6.66 2.69 -13.36
C VAL B 68 7.29 3.50 -12.22
N THR B 69 6.68 3.53 -11.02
CA THR B 69 7.26 4.14 -9.80
C THR B 69 7.20 3.13 -8.66
N ASP B 70 7.73 3.52 -7.48
N ASP B 70 7.73 3.49 -7.48
CA ASP B 70 7.67 2.61 -6.33
CA ASP B 70 7.67 2.48 -6.42
C ASP B 70 6.24 2.19 -6.02
C ASP B 70 6.25 2.23 -5.94
N ASN B 71 5.28 3.08 -6.28
CA ASN B 71 3.90 2.90 -5.85
C ASN B 71 2.90 2.79 -7.00
N VAL B 72 3.33 2.75 -8.27
CA VAL B 72 2.38 2.72 -9.38
C VAL B 72 2.75 1.60 -10.33
N ILE B 73 1.78 0.73 -10.64
CA ILE B 73 1.96 -0.47 -11.44
C ILE B 73 1.11 -0.35 -12.68
N VAL B 74 1.69 -0.65 -13.83
CA VAL B 74 0.94 -0.74 -15.08
C VAL B 74 0.74 -2.22 -15.35
N ILE B 75 -0.48 -2.61 -15.73
CA ILE B 75 -0.77 -4.00 -16.08
C ILE B 75 -1.35 -4.02 -17.49
N LEU B 76 -0.90 -4.99 -18.29
CA LEU B 76 -1.37 -5.16 -19.66
C LEU B 76 -1.92 -6.58 -19.81
N LEU B 77 -2.94 -6.71 -20.65
CA LEU B 77 -3.25 -7.96 -21.33
C LEU B 77 -2.91 -7.68 -22.79
N THR B 78 -1.94 -8.41 -23.36
CA THR B 78 -1.58 -8.12 -24.73
C THR B 78 -0.87 -9.30 -25.39
N ASN B 79 -0.98 -9.37 -26.73
N ASN B 79 -0.95 -9.35 -26.72
CA ASN B 79 -0.20 -10.25 -27.57
CA ASN B 79 -0.16 -10.28 -27.53
C ASN B 79 0.62 -9.46 -28.59
C ASN B 79 0.92 -9.58 -28.35
N GLU B 80 1.05 -8.26 -28.22
CA GLU B 80 2.04 -7.49 -28.96
C GLU B 80 3.43 -8.02 -28.65
N LYS B 81 4.38 -7.72 -29.53
CA LYS B 81 5.74 -8.22 -29.32
C LYS B 81 6.38 -7.54 -28.11
N GLU B 82 7.28 -8.27 -27.47
CA GLU B 82 7.94 -7.79 -26.27
C GLU B 82 8.73 -6.52 -26.53
N ASN B 83 9.40 -6.43 -27.69
CA ASN B 83 10.21 -5.24 -27.91
C ASN B 83 9.33 -4.00 -28.03
N ILE B 84 8.16 -4.13 -28.65
CA ILE B 84 7.21 -3.01 -28.70
C ILE B 84 6.69 -2.67 -27.31
N ILE B 85 6.35 -3.67 -26.50
CA ILE B 85 5.84 -3.42 -25.15
C ILE B 85 6.89 -2.72 -24.31
N LEU B 86 8.13 -3.20 -24.36
CA LEU B 86 9.20 -2.60 -23.57
C LEU B 86 9.48 -1.16 -24.02
N SER B 87 9.33 -0.88 -25.31
CA SER B 87 9.45 0.50 -25.78
C SER B 87 8.32 1.34 -25.24
N MET B 88 7.10 0.81 -25.27
CA MET B 88 5.96 1.52 -24.72
C MET B 88 6.18 1.92 -23.27
N PHE B 89 6.70 1.00 -22.45
CA PHE B 89 6.89 1.28 -21.04
C PHE B 89 7.97 2.33 -20.82
N GLU B 90 9.04 2.29 -21.62
CA GLU B 90 10.11 3.24 -21.40
C GLU B 90 9.68 4.65 -21.76
N LEU B 91 8.91 4.80 -22.85
CA LEU B 91 8.32 6.09 -23.17
C LEU B 91 7.26 6.51 -22.15
N PHE B 92 6.43 5.56 -21.71
CA PHE B 92 5.45 5.88 -20.67
C PHE B 92 6.13 6.45 -19.43
N SER B 93 7.20 5.78 -18.98
CA SER B 93 7.97 6.24 -17.82
C SER B 93 8.54 7.64 -18.04
N THR B 94 9.21 7.85 -19.18
CA THR B 94 9.80 9.16 -19.48
C THR B 94 8.81 10.28 -19.27
N GLN B 95 7.60 10.15 -19.84
CA GLN B 95 6.63 11.23 -19.83
C GLN B 95 5.82 11.34 -18.54
N PHE B 96 5.66 10.27 -17.74
CA PHE B 96 4.74 10.31 -16.61
C PHE B 96 5.30 9.87 -15.28
N ALA B 97 6.48 9.26 -15.22
CA ALA B 97 6.97 8.72 -13.96
C ALA B 97 7.11 9.81 -12.88
N GLU B 98 7.82 10.89 -13.21
CA GLU B 98 8.08 11.92 -12.20
C GLU B 98 6.78 12.46 -11.63
N LYS B 99 5.80 12.72 -12.50
CA LYS B 99 4.51 13.20 -12.04
C LYS B 99 3.78 12.16 -11.20
N LEU B 100 3.68 10.91 -11.69
CA LEU B 100 3.01 9.86 -10.92
C LEU B 100 3.62 9.71 -9.54
N ALA B 101 4.96 9.82 -9.45
CA ALA B 101 5.66 9.71 -8.17
C ALA B 101 5.27 10.81 -7.20
N LEU B 102 4.90 11.99 -7.70
CA LEU B 102 4.50 13.09 -6.84
C LEU B 102 3.00 13.03 -6.56
N GLU B 103 2.22 12.65 -7.55
CA GLU B 103 0.79 12.54 -7.34
C GLU B 103 0.40 11.32 -6.50
N TYR B 104 1.16 10.22 -6.58
CA TYR B 104 0.74 8.96 -5.95
C TYR B 104 1.82 8.39 -5.06
N PRO B 105 2.22 9.11 -4.02
CA PRO B 105 3.33 8.64 -3.18
C PRO B 105 2.93 7.39 -2.41
N ARG B 106 3.91 6.51 -2.21
CA ARG B 106 3.69 5.37 -1.34
C ARG B 106 3.31 5.87 0.06
N THR B 107 2.34 5.21 0.68
CA THR B 107 1.91 5.58 2.02
C THR B 107 1.75 4.34 2.89
N TYR B 108 2.15 4.47 4.15
CA TYR B 108 2.08 3.35 5.09
C TYR B 108 1.15 3.64 6.25
N GLU B 109 -0.08 4.05 5.97
CA GLU B 109 -1.04 4.31 7.05
C GLU B 109 -1.24 3.04 7.89
N GLY C 1 13.61 24.78 -8.46
CA GLY C 1 12.21 24.44 -8.61
C GLY C 1 11.61 23.72 -7.41
N PRO C 2 11.03 22.55 -7.66
CA PRO C 2 10.49 21.75 -6.54
C PRO C 2 11.58 21.19 -5.63
N ILE C 3 11.32 21.24 -4.32
CA ILE C 3 12.21 20.68 -3.31
C ILE C 3 12.13 19.16 -3.43
N ILE C 4 12.39 18.45 -2.33
CA ILE C 4 12.32 16.99 -2.38
C ILE C 4 13.33 16.45 -3.38
N GLU C 5 13.22 16.83 -4.66
CA GLU C 5 14.30 16.47 -5.56
C GLU C 5 15.57 17.24 -5.24
N ASN C 6 15.44 18.37 -4.52
CA ASN C 6 16.59 19.11 -4.02
C ASN C 6 17.11 18.53 -2.71
N CYS C 7 16.20 18.13 -1.82
CA CYS C 7 16.58 17.47 -0.58
C CYS C 7 17.33 16.17 -0.84
N ALA C 8 16.90 15.42 -1.85
CA ALA C 8 17.47 14.10 -2.04
C ALA C 8 18.89 14.19 -2.59
N ALA C 9 19.14 15.15 -3.49
CA ALA C 9 20.50 15.32 -4.00
C ALA C 9 21.43 15.80 -2.89
N PHE C 10 20.94 16.66 -2.00
CA PHE C 10 21.71 17.02 -0.83
C PHE C 10 22.11 15.78 -0.04
N ILE C 11 21.11 14.97 0.35
CA ILE C 11 21.38 13.81 1.19
C ILE C 11 22.31 12.84 0.48
N GLU C 12 22.01 12.51 -0.78
CA GLU C 12 22.86 11.58 -1.54
C GLU C 12 24.30 12.04 -1.66
N LYS C 13 24.58 13.34 -1.49
CA LYS C 13 25.96 13.80 -1.51
C LYS C 13 26.78 13.16 -0.39
N THR C 14 26.13 12.57 0.62
CA THR C 14 26.86 11.87 1.69
C THR C 14 26.23 10.56 2.16
N MET C 15 24.97 10.24 1.86
CA MET C 15 24.41 8.93 2.19
C MET C 15 23.59 8.34 1.04
N SER C 16 23.92 7.09 0.69
CA SER C 16 23.21 6.38 -0.36
C SER C 16 21.75 6.10 0.02
N LYS C 17 21.49 5.68 1.26
CA LYS C 17 20.21 5.09 1.65
C LYS C 17 19.47 6.03 2.60
N TYR C 18 18.31 6.51 2.16
CA TYR C 18 17.57 7.50 2.94
C TYR C 18 16.09 7.45 2.55
N ALA C 19 15.27 8.16 3.31
CA ALA C 19 13.89 8.42 2.91
C ALA C 19 13.46 9.76 3.50
N ILE C 20 12.67 10.50 2.73
CA ILE C 20 12.05 11.72 3.21
C ILE C 20 10.56 11.45 3.36
N THR C 21 10.08 11.42 4.61
CA THR C 21 8.74 10.97 4.90
C THR C 21 7.98 12.00 5.70
N LEU C 22 6.66 11.85 5.70
CA LEU C 22 5.76 12.61 6.55
C LEU C 22 5.32 11.75 7.71
N SER C 23 4.67 12.39 8.68
CA SER C 23 4.35 11.74 9.95
C SER C 23 3.29 10.64 9.81
N ASP C 24 2.43 10.72 8.80
CA ASP C 24 1.38 9.72 8.66
C ASP C 24 1.85 8.43 8.00
N GLY C 25 2.98 8.47 7.30
CA GLY C 25 3.42 7.31 6.55
C GLY C 25 3.66 7.60 5.08
N THR C 26 3.45 8.84 4.66
CA THR C 26 3.63 9.16 3.25
C THR C 26 5.11 9.29 2.95
N ILE C 27 5.62 8.44 2.05
CA ILE C 27 7.00 8.53 1.59
C ILE C 27 7.06 9.52 0.43
N LEU C 28 7.70 10.66 0.66
CA LEU C 28 7.84 11.62 -0.41
C LEU C 28 8.93 11.21 -1.39
N LYS C 29 9.96 10.54 -0.91
CA LYS C 29 11.11 10.12 -1.71
C LYS C 29 11.92 9.13 -0.88
N SER C 30 12.38 8.05 -1.50
CA SER C 30 13.08 7.01 -0.75
C SER C 30 13.94 6.16 -1.67
N THR C 31 15.19 5.90 -1.25
CA THR C 31 16.03 4.85 -1.81
C THR C 31 16.02 3.58 -0.96
N ILE C 32 15.46 3.64 0.25
CA ILE C 32 15.26 2.46 1.08
C ILE C 32 14.13 1.63 0.50
N LYS C 33 14.32 0.31 0.44
CA LYS C 33 13.33 -0.55 -0.19
C LYS C 33 12.10 -0.73 0.68
N ASN C 34 10.98 -1.09 0.04
CA ASN C 34 9.69 -1.11 0.71
C ASN C 34 9.66 -2.07 1.90
N GLU C 35 10.34 -3.22 1.79
CA GLU C 35 10.33 -4.20 2.87
C GLU C 35 10.88 -3.60 4.15
N THR C 36 12.00 -2.88 4.06
CA THR C 36 12.58 -2.24 5.24
C THR C 36 11.70 -1.10 5.74
N LEU C 37 11.14 -0.28 4.84
CA LEU C 37 10.36 0.87 5.31
C LEU C 37 9.10 0.41 6.02
N LYS C 38 8.48 -0.65 5.50
CA LYS C 38 7.24 -1.17 6.11
C LYS C 38 7.48 -1.59 7.55
N LYS C 39 8.61 -2.26 7.82
CA LYS C 39 8.93 -2.65 9.19
C LYS C 39 9.50 -1.50 10.01
N THR C 40 9.88 -0.40 9.36
CA THR C 40 10.52 0.71 10.04
C THR C 40 9.55 1.77 10.50
N PHE C 41 8.47 1.96 9.77
CA PHE C 41 7.60 3.09 10.05
C PHE C 41 6.81 2.95 11.34
N PRO C 42 6.24 1.77 11.66
CA PRO C 42 5.58 1.65 12.98
C PRO C 42 6.47 2.01 14.17
N ILE C 43 7.78 1.80 14.07
CA ILE C 43 8.67 2.17 15.17
C ILE C 43 8.81 3.68 15.23
N LEU C 44 8.81 4.33 14.08
CA LEU C 44 8.98 5.78 14.01
C LEU C 44 7.75 6.51 14.52
N LYS C 45 6.55 5.98 14.20
CA LYS C 45 5.31 6.59 14.68
C LYS C 45 5.23 6.54 16.20
N ASN C 46 5.66 5.43 16.79
CA ASN C 46 5.74 5.31 18.24
C ASN C 46 6.62 6.43 18.81
N LEU C 47 7.88 6.48 18.39
CA LEU C 47 8.80 7.47 18.97
C LEU C 47 8.31 8.88 18.73
N LEU C 48 7.54 9.08 17.65
CA LEU C 48 7.09 10.42 17.30
C LEU C 48 6.12 11.02 18.30
N LYS C 49 5.50 10.19 19.16
CA LYS C 49 4.50 10.75 20.06
C LYS C 49 5.15 11.64 21.13
N ASP C 50 6.40 11.39 21.49
CA ASP C 50 7.05 12.21 22.50
C ASP C 50 8.56 12.00 22.65
N GLN C 51 9.19 11.22 21.77
CA GLN C 51 10.63 10.98 21.90
C GLN C 51 11.47 11.67 20.84
N ILE C 52 10.87 12.21 19.79
CA ILE C 52 11.59 13.03 18.83
C ILE C 52 10.89 14.37 18.69
N PRO C 53 11.28 15.35 19.48
CA PRO C 53 10.73 16.69 19.27
C PRO C 53 11.26 17.25 17.97
N THR C 54 10.44 18.08 17.34
CA THR C 54 10.86 18.81 16.16
C THR C 54 12.25 19.39 16.35
N GLY C 55 13.10 19.20 15.33
CA GLY C 55 14.46 19.68 15.37
C GLY C 55 15.48 18.69 15.89
N SER C 56 15.05 17.56 16.43
CA SER C 56 15.93 16.57 17.03
C SER C 56 16.11 15.36 16.12
N SER C 57 17.15 14.59 16.43
CA SER C 57 17.43 13.31 15.80
C SER C 57 17.31 12.19 16.82
N PHE C 58 17.31 10.96 16.30
CA PHE C 58 17.21 9.75 17.10
C PHE C 58 17.98 8.65 16.40
N PHE C 59 18.87 7.99 17.14
CA PHE C 59 19.81 7.04 16.57
C PHE C 59 19.52 5.61 17.01
N LYS C 60 19.64 4.69 16.07
CA LYS C 60 19.67 3.25 16.35
C LYS C 60 20.34 2.62 15.14
N LEU C 61 21.65 2.80 15.05
CA LEU C 61 22.36 2.52 13.81
C LEU C 61 22.13 1.07 13.39
N PRO C 62 21.98 0.79 12.10
CA PRO C 62 22.14 1.70 10.96
C PRO C 62 20.96 2.69 10.75
N VAL C 63 19.89 2.69 11.57
CA VAL C 63 18.76 3.59 11.31
C VAL C 63 18.92 4.86 12.12
N VAL C 64 18.60 6.00 11.48
CA VAL C 64 18.64 7.31 12.12
C VAL C 64 17.44 8.11 11.63
N PHE C 65 16.84 8.88 12.54
CA PHE C 65 15.65 9.66 12.28
C PHE C 65 15.96 11.12 12.53
N PHE C 66 15.54 12.00 11.63
CA PHE C 66 15.66 13.43 11.86
C PHE C 66 14.34 14.12 11.56
N ARG C 67 13.70 14.65 12.59
CA ARG C 67 12.48 15.47 12.41
C ARG C 67 12.86 16.88 11.95
N VAL C 68 13.00 17.07 10.63
CA VAL C 68 13.44 18.36 10.08
C VAL C 68 12.44 19.46 10.43
N THR C 69 11.16 19.24 10.09
CA THR C 69 10.02 20.08 10.44
C THR C 69 9.11 19.28 11.37
N ASP C 70 7.97 19.87 11.70
CA ASP C 70 7.00 19.19 12.55
C ASP C 70 6.45 17.94 11.86
N ASN C 71 6.23 18.01 10.54
CA ASN C 71 5.59 16.95 9.76
C ASN C 71 6.57 16.11 8.94
N VAL C 72 7.78 16.60 8.67
CA VAL C 72 8.72 15.98 7.73
C VAL C 72 9.84 15.31 8.51
N ILE C 73 10.08 14.03 8.21
CA ILE C 73 11.11 13.23 8.88
C ILE C 73 12.08 12.68 7.84
N VAL C 74 13.35 12.76 8.13
CA VAL C 74 14.36 12.14 7.29
C VAL C 74 14.79 10.83 7.95
N ILE C 75 14.92 9.77 7.16
CA ILE C 75 15.29 8.46 7.65
C ILE C 75 16.54 8.04 6.91
N LEU C 76 17.57 7.66 7.65
CA LEU C 76 18.85 7.26 7.08
C LEU C 76 19.14 5.82 7.47
N LEU C 77 19.70 5.06 6.53
CA LEU C 77 20.44 3.83 6.80
C LEU C 77 21.90 4.15 6.50
N THR C 78 22.73 4.19 7.53
CA THR C 78 24.10 4.66 7.37
C THR C 78 24.96 4.03 8.45
N ASN C 79 26.27 3.97 8.21
CA ASN C 79 27.21 3.69 9.28
C ASN C 79 28.24 4.81 9.43
N GLU C 80 27.98 5.98 8.83
CA GLU C 80 28.82 7.16 9.00
C GLU C 80 29.02 7.47 10.47
N LYS C 81 30.13 8.14 10.78
CA LYS C 81 30.38 8.52 12.16
C LYS C 81 29.33 9.55 12.62
N GLU C 82 29.09 9.57 13.93
CA GLU C 82 28.00 10.38 14.48
C GLU C 82 28.10 11.83 14.05
N ASN C 83 29.30 12.42 14.12
CA ASN C 83 29.42 13.87 13.91
C ASN C 83 29.14 14.24 12.45
N ILE C 84 29.43 13.34 11.51
CA ILE C 84 29.07 13.58 10.12
C ILE C 84 27.56 13.64 9.97
N ILE C 85 26.85 12.70 10.60
CA ILE C 85 25.40 12.63 10.44
C ILE C 85 24.74 13.86 11.05
N LEU C 86 25.15 14.22 12.27
CA LEU C 86 24.63 15.43 12.88
C LEU C 86 24.95 16.66 12.05
N SER C 87 26.12 16.69 11.42
CA SER C 87 26.50 17.83 10.58
C SER C 87 25.63 17.88 9.33
N MET C 88 25.43 16.75 8.67
CA MET C 88 24.52 16.67 7.54
C MET C 88 23.14 17.21 7.92
N PHE C 89 22.59 16.76 9.06
CA PHE C 89 21.26 17.20 9.47
C PHE C 89 21.23 18.70 9.71
N GLU C 90 22.22 19.22 10.43
CA GLU C 90 22.25 20.66 10.70
C GLU C 90 22.24 21.46 9.41
N LEU C 91 23.06 21.08 8.42
CA LEU C 91 23.11 21.82 7.15
C LEU C 91 21.81 21.66 6.38
N PHE C 92 21.36 20.41 6.20
CA PHE C 92 20.09 20.12 5.54
C PHE C 92 18.97 20.98 6.09
N SER C 93 18.92 21.14 7.42
CA SER C 93 17.82 21.91 8.00
C SER C 93 17.94 23.39 7.62
N THR C 94 19.11 23.98 7.86
CA THR C 94 19.29 25.41 7.63
C THR C 94 19.16 25.76 6.14
N GLN C 95 19.33 24.80 5.24
CA GLN C 95 19.10 25.04 3.82
C GLN C 95 17.72 24.61 3.33
N PHE C 96 16.95 23.85 4.12
CA PHE C 96 15.69 23.26 3.64
C PHE C 96 14.52 23.35 4.59
N ALA C 97 14.71 23.50 5.91
CA ALA C 97 13.58 23.30 6.80
C ALA C 97 12.55 24.40 6.66
N GLU C 98 12.93 25.53 6.06
CA GLU C 98 11.95 26.58 5.77
C GLU C 98 11.09 26.16 4.58
N LYS C 99 11.73 25.91 3.43
CA LYS C 99 11.00 25.50 2.23
C LYS C 99 10.14 24.26 2.47
N LEU C 100 10.66 23.30 3.26
CA LEU C 100 9.96 22.04 3.48
C LEU C 100 8.73 22.23 4.37
N ALA C 101 8.85 23.01 5.45
CA ALA C 101 7.67 23.31 6.24
C ALA C 101 6.63 24.08 5.44
N LEU C 102 7.06 24.77 4.38
CA LEU C 102 6.16 25.53 3.52
C LEU C 102 5.44 24.64 2.51
N GLU C 103 6.11 23.61 2.03
CA GLU C 103 5.55 22.72 1.04
C GLU C 103 4.74 21.58 1.65
N TYR C 104 5.08 21.14 2.86
CA TYR C 104 4.38 20.03 3.53
C TYR C 104 3.98 20.41 4.94
N PRO C 105 3.15 21.44 5.10
CA PRO C 105 2.60 21.72 6.44
C PRO C 105 1.73 20.59 6.94
N ARG C 106 1.69 20.46 8.26
CA ARG C 106 0.88 19.44 8.92
C ARG C 106 -0.59 19.58 8.55
CL CL D . 10.92 -2.25 -3.00
#